data_4AXI
#
_entry.id   4AXI
#
_cell.length_a   123.200
_cell.length_b   123.200
_cell.length_c   38.720
_cell.angle_alpha   90.00
_cell.angle_beta   90.00
_cell.angle_gamma   120.00
#
_symmetry.space_group_name_H-M   'H 3'
#
loop_
_entity.id
_entity.type
_entity.pdbx_description
1 polymer 'ETHANOLAMINE CARBOXYSOME STRUCTURAL PROTEIN'
2 non-polymer GLYCEROL
3 water water
#
_entity_poly.entity_id   1
_entity_poly.type   'polypeptide(L)'
_entity_poly.pdbx_seq_one_letter_code
;MGTEESKQRVIQEYVPGKQVTLAHIIANPNEDIYKKLGLVLDKKDAIGILTITPSEASIIAADVATKASNVSLGFIDRFS
GSVVISGDVSSVESALNDVLEVLGNMLNFSSTKITRTLEHHHHHH
;
_entity_poly.pdbx_strand_id   A,B
#
loop_
_chem_comp.id
_chem_comp.type
_chem_comp.name
_chem_comp.formula
GOL non-polymer GLYCEROL 'C3 H8 O3'
#
# COMPACT_ATOMS: atom_id res chain seq x y z
N THR A 3 -0.26 38.44 -10.63
CA THR A 3 -1.67 38.63 -10.98
C THR A 3 -2.36 37.38 -11.49
N GLU A 4 -3.66 37.33 -11.24
CA GLU A 4 -4.51 36.24 -11.71
C GLU A 4 -4.31 36.05 -13.20
N GLU A 5 -4.28 37.17 -13.93
CA GLU A 5 -4.21 37.12 -15.39
C GLU A 5 -2.91 36.52 -15.95
N SER A 6 -1.84 36.48 -15.17
CA SER A 6 -0.51 36.10 -15.70
C SER A 6 -0.14 34.63 -15.45
N LYS A 7 -1.02 33.89 -14.77
CA LYS A 7 -0.69 32.54 -14.34
C LYS A 7 -1.08 31.51 -15.41
N GLN A 8 -0.14 30.65 -15.77
CA GLN A 8 -0.44 29.50 -16.61
C GLN A 8 -1.41 28.56 -15.87
N ARG A 9 -2.25 27.89 -16.63
CA ARG A 9 -3.28 26.99 -16.11
C ARG A 9 -3.11 25.64 -16.83
N VAL A 10 -3.00 24.55 -16.06
CA VAL A 10 -2.84 23.20 -16.58
C VAL A 10 -3.88 22.34 -15.91
N ILE A 11 -4.37 21.31 -16.60
CA ILE A 11 -5.22 20.30 -15.96
C ILE A 11 -4.30 19.20 -15.54
N GLN A 12 -4.34 18.81 -14.25
CA GLN A 12 -3.52 17.70 -13.80
CA GLN A 12 -3.51 17.73 -13.75
C GLN A 12 -4.43 16.58 -13.35
N GLU A 13 -4.23 15.42 -13.98
CA GLU A 13 -4.99 14.20 -13.66
C GLU A 13 -4.20 13.49 -12.58
N TYR A 14 -4.74 13.40 -11.37
CA TYR A 14 -3.95 12.82 -10.30
C TYR A 14 -4.10 11.29 -10.19
N VAL A 15 -2.98 10.62 -9.96
CA VAL A 15 -2.93 9.19 -9.68
C VAL A 15 -1.85 9.04 -8.63
N PRO A 16 -1.97 8.01 -7.77
CA PRO A 16 -0.90 7.80 -6.81
C PRO A 16 0.38 7.30 -7.49
N GLY A 17 1.52 7.81 -7.02
CA GLY A 17 2.82 7.25 -7.30
C GLY A 17 3.06 5.95 -6.59
N LYS A 18 4.20 5.35 -6.92
CA LYS A 18 4.64 4.12 -6.32
C LYS A 18 6.00 4.41 -5.66
N GLN A 19 5.99 4.56 -4.36
CA GLN A 19 7.18 5.06 -3.64
C GLN A 19 7.16 4.66 -2.17
N VAL A 20 8.31 4.20 -1.66
CA VAL A 20 8.56 4.15 -0.21
C VAL A 20 9.43 5.37 0.12
N THR A 21 8.85 6.38 0.79
CA THR A 21 9.53 7.62 1.02
C THR A 21 10.41 7.58 2.23
N LEU A 22 10.08 6.72 3.18
CA LEU A 22 10.76 6.65 4.46
C LEU A 22 10.76 5.24 4.96
N ALA A 23 11.92 4.83 5.53
CA ALA A 23 12.07 3.52 6.14
C ALA A 23 13.08 3.76 7.27
N HIS A 24 12.54 4.07 8.44
CA HIS A 24 13.32 4.65 9.52
C HIS A 24 13.24 3.90 10.79
N ILE A 25 14.42 3.69 11.40
CA ILE A 25 14.52 3.04 12.71
C ILE A 25 14.78 4.03 13.84
N ILE A 26 13.96 3.94 14.89
CA ILE A 26 14.21 4.65 16.14
C ILE A 26 14.54 3.58 17.18
N ALA A 27 15.79 3.59 17.66
CA ALA A 27 16.25 2.50 18.56
C ALA A 27 15.66 2.45 19.95
N ASN A 28 15.41 3.62 20.54
CA ASN A 28 14.94 3.60 21.90
C ASN A 28 13.95 4.69 22.05
N PRO A 29 12.76 4.42 21.51
CA PRO A 29 11.82 5.51 21.39
C PRO A 29 11.29 5.99 22.72
N ASN A 30 11.12 7.30 22.83
CA ASN A 30 10.56 7.91 24.03
C ASN A 30 9.15 7.38 24.32
N GLU A 31 8.90 6.98 25.57
CA GLU A 31 7.61 6.40 25.93
C GLU A 31 6.41 7.32 25.67
N ASP A 32 6.56 8.63 25.83
CA ASP A 32 5.41 9.50 25.58
C ASP A 32 5.04 9.47 24.10
N ILE A 33 6.03 9.31 23.24
CA ILE A 33 5.78 9.27 21.82
C ILE A 33 5.12 7.94 21.52
N TYR A 34 5.67 6.82 21.98
CA TYR A 34 5.11 5.58 21.49
C TYR A 34 3.74 5.29 22.09
N LYS A 35 3.49 5.82 23.28
CA LYS A 35 2.16 5.67 23.86
C LYS A 35 1.12 6.51 23.10
N LYS A 36 1.48 7.68 22.62
CA LYS A 36 0.56 8.46 21.81
C LYS A 36 0.25 7.75 20.48
N LEU A 37 1.16 6.91 19.99
CA LEU A 37 0.94 6.08 18.80
C LEU A 37 0.19 4.77 19.07
N GLY A 38 -0.12 4.51 20.32
CA GLY A 38 -0.89 3.32 20.66
C GLY A 38 -0.06 2.07 20.81
N LEU A 39 1.24 2.24 21.03
CA LEU A 39 2.14 1.10 21.11
C LEU A 39 2.40 0.61 22.52
N VAL A 40 2.54 -0.70 22.64
CA VAL A 40 2.97 -1.34 23.87
C VAL A 40 4.26 -2.08 23.51
N LEU A 41 5.35 -1.65 24.11
CA LEU A 41 6.67 -2.13 23.74
C LEU A 41 7.42 -2.62 24.97
N ASP A 42 8.49 -3.37 24.77
CA ASP A 42 9.46 -3.47 25.87
C ASP A 42 10.44 -2.31 25.72
N LYS A 43 11.12 -1.88 26.79
CA LYS A 43 11.95 -0.68 26.66
C LYS A 43 13.30 -0.94 25.96
N LYS A 44 13.55 -2.19 25.55
CA LYS A 44 14.63 -2.51 24.61
C LYS A 44 14.18 -2.53 23.12
N ASP A 45 12.88 -2.49 22.88
CA ASP A 45 12.37 -2.49 21.49
C ASP A 45 12.69 -1.22 20.77
N ALA A 46 12.98 -1.39 19.48
CA ALA A 46 13.05 -0.29 18.55
C ALA A 46 11.75 -0.24 17.78
N ILE A 47 11.52 0.87 17.10
CA ILE A 47 10.45 0.89 16.12
C ILE A 47 10.97 1.19 14.74
N GLY A 48 10.21 0.72 13.74
CA GLY A 48 10.46 0.98 12.35
C GLY A 48 9.26 1.66 11.76
N ILE A 49 9.54 2.68 10.96
CA ILE A 49 8.49 3.54 10.41
C ILE A 49 8.57 3.58 8.91
N LEU A 50 7.44 3.34 8.24
CA LEU A 50 7.33 3.31 6.80
C LEU A 50 6.31 4.32 6.28
N THR A 51 6.67 5.02 5.21
CA THR A 51 5.77 5.90 4.44
C THR A 51 5.66 5.26 3.07
N ILE A 52 4.44 4.92 2.65
CA ILE A 52 4.23 4.17 1.43
C ILE A 52 3.12 4.78 0.62
N THR A 53 3.31 4.86 -0.70
CA THR A 53 2.29 5.28 -1.66
C THR A 53 2.36 4.23 -2.81
N PRO A 54 1.22 3.72 -3.30
CA PRO A 54 -0.13 3.98 -2.82
C PRO A 54 -0.38 3.36 -1.47
N SER A 55 -1.37 3.90 -0.75
N SER A 55 -1.36 3.92 -0.76
CA SER A 55 -1.62 3.50 0.61
CA SER A 55 -1.64 3.54 0.60
C SER A 55 -1.95 2.03 0.77
C SER A 55 -1.95 2.07 0.76
N GLU A 56 -2.56 1.45 -0.24
CA GLU A 56 -2.90 0.02 -0.16
C GLU A 56 -1.67 -0.85 -0.06
N ALA A 57 -0.52 -0.35 -0.54
CA ALA A 57 0.68 -1.16 -0.48
C ALA A 57 1.21 -1.28 0.95
N SER A 58 0.66 -0.53 1.88
CA SER A 58 0.94 -0.76 3.28
C SER A 58 0.60 -2.20 3.69
N ILE A 59 -0.41 -2.79 3.05
CA ILE A 59 -0.78 -4.13 3.38
C ILE A 59 0.32 -5.10 2.99
N ILE A 60 0.91 -4.86 1.84
CA ILE A 60 1.99 -5.69 1.37
C ILE A 60 3.19 -5.54 2.30
N ALA A 61 3.52 -4.30 2.62
CA ALA A 61 4.69 -4.07 3.46
C ALA A 61 4.52 -4.66 4.84
N ALA A 62 3.34 -4.47 5.44
CA ALA A 62 3.09 -4.97 6.80
C ALA A 62 3.19 -6.50 6.82
N ASP A 63 2.65 -7.15 5.80
CA ASP A 63 2.73 -8.60 5.70
C ASP A 63 4.18 -9.07 5.57
N VAL A 64 4.93 -8.48 4.65
CA VAL A 64 6.34 -8.83 4.52
C VAL A 64 7.11 -8.60 5.82
N ALA A 65 6.86 -7.48 6.50
CA ALA A 65 7.63 -7.13 7.70
C ALA A 65 7.32 -8.09 8.83
N THR A 66 6.06 -8.43 9.02
CA THR A 66 5.70 -9.21 10.20
C THR A 66 5.97 -10.67 9.99
N LYS A 67 6.27 -11.10 8.76
CA LYS A 67 6.77 -12.46 8.52
C LYS A 67 8.24 -12.57 8.96
N ALA A 68 8.87 -11.41 9.21
CA ALA A 68 10.24 -11.34 9.76
C ALA A 68 10.29 -11.77 11.20
N SER A 69 11.36 -12.47 11.53
CA SER A 69 11.53 -13.04 12.84
C SER A 69 11.53 -11.96 13.88
N ASN A 70 10.84 -12.19 14.98
CA ASN A 70 10.97 -11.31 16.12
C ASN A 70 10.48 -9.87 15.83
N VAL A 71 9.65 -9.68 14.82
CA VAL A 71 9.03 -8.36 14.59
C VAL A 71 7.51 -8.39 14.75
N SER A 72 6.99 -7.36 15.44
CA SER A 72 5.55 -7.25 15.66
C SER A 72 5.01 -6.03 14.94
N LEU A 73 3.75 -6.16 14.51
CA LEU A 73 3.06 -5.05 13.88
C LEU A 73 2.66 -4.05 14.96
N GLY A 74 3.07 -2.81 14.82
CA GLY A 74 2.61 -1.71 15.67
C GLY A 74 1.24 -1.23 15.23
N PHE A 75 1.19 -0.69 14.03
CA PHE A 75 -0.07 -0.47 13.33
C PHE A 75 0.14 -0.39 11.84
N ILE A 76 -0.97 -0.56 11.14
CA ILE A 76 -1.05 -0.34 9.69
C ILE A 76 -2.17 0.62 9.45
N ASP A 77 -1.92 1.65 8.66
CA ASP A 77 -2.95 2.60 8.29
C ASP A 77 -3.10 2.51 6.79
N ARG A 78 -4.16 1.83 6.32
CA ARG A 78 -4.36 1.60 4.89
C ARG A 78 -4.84 2.82 4.20
N PHE A 79 -5.18 3.84 4.96
CA PHE A 79 -5.70 5.09 4.38
C PHE A 79 -4.55 6.03 4.04
N SER A 80 -3.60 6.10 4.96
CA SER A 80 -2.44 6.97 4.75
C SER A 80 -1.21 6.23 4.19
N GLY A 81 -1.22 4.94 4.34
CA GLY A 81 -0.05 4.17 3.90
C GLY A 81 0.96 3.81 4.97
N SER A 82 0.75 4.32 6.15
CA SER A 82 1.76 4.20 7.18
C SER A 82 1.82 2.80 7.76
N VAL A 83 3.04 2.38 8.09
CA VAL A 83 3.23 1.12 8.81
C VAL A 83 4.31 1.38 9.86
N VAL A 84 3.99 0.98 11.10
CA VAL A 84 4.95 1.01 12.18
C VAL A 84 5.08 -0.38 12.75
N ILE A 85 6.34 -0.79 12.91
CA ILE A 85 6.65 -2.11 13.45
C ILE A 85 7.53 -2.00 14.67
N SER A 86 7.66 -3.11 15.39
CA SER A 86 8.54 -3.06 16.57
C SER A 86 9.28 -4.39 16.82
N GLY A 87 10.38 -4.29 17.54
CA GLY A 87 11.17 -5.46 17.90
C GLY A 87 12.62 -5.07 18.13
N ASP A 88 13.54 -6.04 18.24
CA ASP A 88 14.90 -5.63 18.54
C ASP A 88 15.42 -4.95 17.31
N VAL A 89 16.38 -4.07 17.48
CA VAL A 89 16.82 -3.21 16.39
C VAL A 89 17.25 -4.00 15.12
N SER A 90 17.99 -5.10 15.26
CA SER A 90 18.45 -5.81 14.09
CA SER A 90 18.45 -5.88 14.11
C SER A 90 17.28 -6.46 13.33
N SER A 91 16.31 -7.00 14.06
CA SER A 91 15.16 -7.63 13.46
C SER A 91 14.31 -6.59 12.73
N VAL A 92 14.14 -5.43 13.34
CA VAL A 92 13.42 -4.32 12.69
C VAL A 92 14.10 -3.88 11.41
N GLU A 93 15.42 -3.75 11.41
CA GLU A 93 16.15 -3.36 10.20
C GLU A 93 15.99 -4.43 9.11
N SER A 94 16.07 -5.70 9.51
CA SER A 94 15.88 -6.80 8.57
CA SER A 94 15.92 -6.77 8.53
C SER A 94 14.52 -6.76 7.91
N ALA A 95 13.52 -6.44 8.73
CA ALA A 95 12.15 -6.37 8.23
C ALA A 95 12.00 -5.20 7.27
N LEU A 96 12.54 -4.04 7.63
CA LEU A 96 12.49 -2.91 6.73
C LEU A 96 13.18 -3.21 5.40
N ASN A 97 14.31 -3.91 5.49
CA ASN A 97 15.00 -4.21 4.26
C ASN A 97 14.20 -5.18 3.38
N ASP A 98 13.50 -6.13 4.00
CA ASP A 98 12.65 -7.06 3.25
C ASP A 98 11.57 -6.26 2.51
N VAL A 99 10.96 -5.32 3.20
CA VAL A 99 9.97 -4.46 2.56
C VAL A 99 10.54 -3.69 1.36
N LEU A 100 11.71 -3.08 1.50
CA LEU A 100 12.34 -2.37 0.40
C LEU A 100 12.68 -3.28 -0.76
N GLU A 101 13.07 -4.51 -0.45
N GLU A 101 13.10 -4.51 -0.46
CA GLU A 101 13.34 -5.49 -1.50
CA GLU A 101 13.33 -5.51 -1.51
C GLU A 101 12.11 -5.91 -2.28
C GLU A 101 12.06 -5.78 -2.29
N VAL A 102 11.00 -6.17 -1.59
CA VAL A 102 9.76 -6.52 -2.26
C VAL A 102 9.20 -5.31 -3.02
N LEU A 103 8.93 -4.22 -2.30
CA LEU A 103 8.32 -3.07 -2.98
C LEU A 103 9.24 -2.41 -4.04
N GLY A 104 10.52 -2.22 -3.69
CA GLY A 104 11.44 -1.46 -4.54
C GLY A 104 11.96 -2.29 -5.69
N ASN A 105 12.46 -3.47 -5.36
CA ASN A 105 13.03 -4.28 -6.42
C ASN A 105 11.97 -5.06 -7.15
N MET A 106 11.14 -5.81 -6.46
CA MET A 106 10.20 -6.61 -7.20
C MET A 106 9.00 -5.89 -7.79
N LEU A 107 8.47 -4.87 -7.12
CA LEU A 107 7.31 -4.13 -7.63
C LEU A 107 7.70 -2.79 -8.27
N ASN A 108 9.00 -2.53 -8.30
CA ASN A 108 9.51 -1.37 -9.02
C ASN A 108 9.07 -0.05 -8.43
N PHE A 109 8.79 -0.02 -7.13
CA PHE A 109 8.55 1.26 -6.48
C PHE A 109 9.85 2.05 -6.38
N SER A 110 9.76 3.37 -6.44
CA SER A 110 10.86 4.23 -6.04
CA SER A 110 10.83 4.24 -6.03
C SER A 110 11.11 3.97 -4.56
N SER A 111 12.36 3.98 -4.18
CA SER A 111 12.68 3.52 -2.85
C SER A 111 13.64 4.48 -2.19
N THR A 112 14.11 4.09 -1.04
CA THR A 112 14.93 4.95 -0.23
C THR A 112 15.84 4.02 0.51
N LYS A 113 16.87 4.57 1.14
CA LYS A 113 17.72 3.80 2.04
C LYS A 113 17.11 3.80 3.44
N ILE A 114 17.48 2.79 4.24
CA ILE A 114 17.05 2.77 5.61
C ILE A 114 17.85 3.86 6.35
N THR A 115 17.17 4.60 7.18
CA THR A 115 17.77 5.63 7.99
C THR A 115 17.48 5.31 9.44
N ARG A 116 18.24 5.93 10.33
CA ARG A 116 18.09 5.66 11.74
C ARG A 116 18.38 6.87 12.58
N THR A 117 17.76 6.95 13.73
CA THR A 117 18.04 8.08 14.58
C THR A 117 19.26 7.63 15.34
N LEU A 118 20.34 8.37 15.16
CA LEU A 118 21.60 8.02 15.81
C LEU A 118 21.52 8.44 17.28
N THR B 3 14.20 30.74 -2.61
CA THR B 3 13.37 31.91 -2.21
C THR B 3 11.99 31.93 -2.83
N GLU B 4 11.04 32.47 -2.05
CA GLU B 4 9.67 32.64 -2.50
C GLU B 4 9.63 33.29 -3.87
N GLU B 5 10.47 34.30 -4.06
CA GLU B 5 10.42 35.15 -5.24
C GLU B 5 10.87 34.44 -6.52
N SER B 6 11.63 33.36 -6.37
CA SER B 6 12.24 32.66 -7.51
C SER B 6 11.41 31.49 -8.05
N LYS B 7 10.29 31.19 -7.39
CA LYS B 7 9.48 30.03 -7.76
C LYS B 7 8.40 30.37 -8.81
N GLN B 8 8.33 29.58 -9.87
CA GLN B 8 7.25 29.68 -10.84
C GLN B 8 5.96 29.25 -10.12
N ARG B 9 4.87 29.90 -10.51
CA ARG B 9 3.51 29.62 -10.02
C ARG B 9 2.68 29.23 -11.18
N VAL B 10 1.95 28.15 -11.03
CA VAL B 10 0.99 27.73 -12.02
C VAL B 10 -0.31 27.38 -11.37
N ILE B 11 -1.41 27.57 -12.05
CA ILE B 11 -2.70 27.08 -11.51
C ILE B 11 -2.91 25.70 -12.03
N GLN B 12 -3.19 24.75 -11.12
CA GLN B 12 -3.41 23.37 -11.51
CA GLN B 12 -3.43 23.40 -11.56
C GLN B 12 -4.86 23.03 -11.22
N GLU B 13 -5.60 22.71 -12.25
CA GLU B 13 -6.99 22.26 -12.14
C GLU B 13 -6.98 20.76 -11.95
N TYR B 14 -7.40 20.29 -10.80
CA TYR B 14 -7.27 18.85 -10.54
C TYR B 14 -8.50 18.05 -10.96
N VAL B 15 -8.25 16.89 -11.53
CA VAL B 15 -9.28 15.91 -11.86
C VAL B 15 -8.64 14.55 -11.59
N PRO B 16 -9.46 13.55 -11.28
CA PRO B 16 -8.86 12.24 -11.09
C PRO B 16 -8.40 11.63 -12.43
N GLY B 17 -7.26 10.95 -12.40
CA GLY B 17 -6.83 10.08 -13.47
C GLY B 17 -7.62 8.78 -13.50
N LYS B 18 -7.32 7.99 -14.51
CA LYS B 18 -7.93 6.68 -14.72
C LYS B 18 -6.78 5.69 -14.73
N GLN B 19 -6.61 4.98 -13.62
CA GLN B 19 -5.45 4.12 -13.42
C GLN B 19 -5.72 3.02 -12.41
N VAL B 20 -5.28 1.80 -12.72
CA VAL B 20 -5.14 0.74 -11.73
C VAL B 20 -3.65 0.71 -11.41
N THR B 21 -3.30 1.16 -10.22
CA THR B 21 -1.90 1.30 -9.86
C THR B 21 -1.30 -0.01 -9.33
N LEU B 22 -2.15 -0.80 -8.71
CA LEU B 22 -1.68 -2.00 -8.01
C LEU B 22 -2.74 -3.08 -8.17
N ALA B 23 -2.26 -4.29 -8.47
CA ALA B 23 -3.12 -5.48 -8.55
C ALA B 23 -2.24 -6.62 -8.01
N HIS B 24 -2.32 -6.85 -6.70
CA HIS B 24 -1.34 -7.69 -6.01
C HIS B 24 -1.96 -8.83 -5.26
N ILE B 25 -1.35 -10.01 -5.38
CA ILE B 25 -1.76 -11.18 -4.64
C ILE B 25 -0.78 -11.47 -3.51
N ILE B 26 -1.32 -11.65 -2.30
CA ILE B 26 -0.58 -12.21 -1.15
C ILE B 26 -1.14 -13.62 -0.91
N ALA B 27 -0.33 -14.64 -1.20
CA ALA B 27 -0.77 -16.05 -1.16
C ALA B 27 -1.17 -16.53 0.22
N ASN B 28 -0.36 -16.15 1.21
CA ASN B 28 -0.55 -16.61 2.60
C ASN B 28 -0.36 -15.48 3.57
N PRO B 29 -1.36 -14.63 3.63
CA PRO B 29 -1.29 -13.44 4.47
C PRO B 29 -1.22 -13.72 5.97
N ASN B 30 -0.38 -12.92 6.63
CA ASN B 30 -0.23 -12.98 8.06
C ASN B 30 -1.55 -12.64 8.74
N GLU B 31 -1.93 -13.47 9.71
CA GLU B 31 -3.15 -13.28 10.46
C GLU B 31 -3.29 -11.93 11.12
N ASP B 32 -2.20 -11.36 11.61
CA ASP B 32 -2.35 -10.07 12.29
C ASP B 32 -2.79 -9.03 11.28
N ILE B 33 -2.20 -9.10 10.10
CA ILE B 33 -2.51 -8.10 9.11
C ILE B 33 -3.95 -8.23 8.68
N TYR B 34 -4.39 -9.42 8.30
CA TYR B 34 -5.74 -9.49 7.75
C TYR B 34 -6.83 -9.26 8.80
N LYS B 35 -6.55 -9.56 10.07
CA LYS B 35 -7.47 -9.18 11.12
C LYS B 35 -7.57 -7.66 11.27
N LYS B 36 -6.45 -6.96 11.16
CA LYS B 36 -6.49 -5.51 11.26
C LYS B 36 -7.29 -4.88 10.11
N LEU B 37 -7.39 -5.59 9.00
CA LEU B 37 -8.13 -5.15 7.82
C LEU B 37 -9.60 -5.53 7.88
N GLY B 38 -9.95 -6.28 8.92
CA GLY B 38 -11.33 -6.66 9.15
C GLY B 38 -11.75 -7.90 8.41
N LEU B 39 -10.77 -8.71 8.02
CA LEU B 39 -11.10 -9.87 7.20
C LEU B 39 -11.22 -11.12 8.02
N VAL B 40 -12.10 -11.98 7.54
CA VAL B 40 -12.33 -13.29 8.09
C VAL B 40 -11.99 -14.31 7.01
N LEU B 41 -10.83 -14.96 7.16
CA LEU B 41 -10.28 -15.84 6.13
C LEU B 41 -10.04 -17.24 6.66
N ASP B 42 -9.95 -18.21 5.75
CA ASP B 42 -9.32 -19.48 6.09
C ASP B 42 -7.83 -19.31 5.95
N LYS B 43 -7.11 -20.16 6.67
CA LYS B 43 -5.65 -20.22 6.64
C LYS B 43 -5.14 -20.35 5.20
N LYS B 44 -5.93 -21.00 4.33
CA LYS B 44 -5.56 -21.33 2.95
C LYS B 44 -5.84 -20.18 1.97
N ASP B 45 -6.59 -19.20 2.43
CA ASP B 45 -7.02 -18.10 1.54
C ASP B 45 -5.90 -17.12 1.23
N ALA B 46 -5.86 -16.69 -0.03
CA ALA B 46 -5.01 -15.61 -0.48
C ALA B 46 -5.87 -14.34 -0.49
N ILE B 47 -5.18 -13.20 -0.54
CA ILE B 47 -5.88 -11.94 -0.78
C ILE B 47 -5.37 -11.27 -2.06
N GLY B 48 -6.26 -10.52 -2.72
CA GLY B 48 -5.90 -9.65 -3.81
C GLY B 48 -6.22 -8.22 -3.46
N ILE B 49 -5.29 -7.35 -3.84
CA ILE B 49 -5.36 -5.93 -3.43
C ILE B 49 -5.31 -5.08 -4.68
N LEU B 50 -6.28 -4.19 -4.80
CA LEU B 50 -6.36 -3.25 -5.91
C LEU B 50 -6.32 -1.81 -5.44
N THR B 51 -5.56 -0.99 -6.18
CA THR B 51 -5.53 0.48 -6.05
C THR B 51 -6.11 1.05 -7.33
N ILE B 52 -7.19 1.86 -7.24
CA ILE B 52 -7.95 2.32 -8.39
C ILE B 52 -8.30 3.78 -8.29
N THR B 53 -8.11 4.52 -9.38
CA THR B 53 -8.53 5.91 -9.52
C THR B 53 -9.27 5.99 -10.84
N PRO B 54 -10.42 6.64 -10.92
CA PRO B 54 -11.09 7.32 -9.80
C PRO B 54 -11.69 6.33 -8.83
N SER B 55 -11.92 6.79 -7.60
CA SER B 55 -12.31 5.88 -6.54
C SER B 55 -13.63 5.14 -6.82
N GLU B 56 -14.53 5.78 -7.57
CA GLU B 56 -15.81 5.14 -7.88
C GLU B 56 -15.64 3.86 -8.71
N ALA B 57 -14.52 3.76 -9.44
CA ALA B 57 -14.31 2.60 -10.27
C ALA B 57 -14.01 1.36 -9.43
N SER B 58 -13.80 1.55 -8.12
CA SER B 58 -13.77 0.40 -7.21
C SER B 58 -15.03 -0.43 -7.33
N ILE B 59 -16.16 0.22 -7.58
CA ILE B 59 -17.45 -0.49 -7.66
C ILE B 59 -17.43 -1.40 -8.88
N ILE B 60 -16.90 -0.92 -9.98
CA ILE B 60 -16.80 -1.72 -11.19
C ILE B 60 -15.86 -2.87 -10.98
N ALA B 61 -14.70 -2.61 -10.40
CA ALA B 61 -13.77 -3.68 -10.16
C ALA B 61 -14.32 -4.75 -9.25
N ALA B 62 -14.95 -4.36 -8.14
CA ALA B 62 -15.48 -5.33 -7.18
C ALA B 62 -16.53 -6.22 -7.82
N ASP B 63 -17.37 -5.62 -8.64
CA ASP B 63 -18.41 -6.38 -9.33
C ASP B 63 -17.77 -7.36 -10.32
N VAL B 64 -16.82 -6.90 -11.12
CA VAL B 64 -16.14 -7.78 -12.06
C VAL B 64 -15.45 -8.93 -11.34
N ALA B 65 -14.78 -8.63 -10.22
CA ALA B 65 -14.00 -9.63 -9.53
C ALA B 65 -14.90 -10.72 -9.00
N THR B 66 -16.01 -10.33 -8.35
CA THR B 66 -16.94 -11.30 -7.78
C THR B 66 -17.70 -12.10 -8.83
N LYS B 67 -17.88 -11.57 -10.03
CA LYS B 67 -18.49 -12.35 -11.13
C LYS B 67 -17.46 -13.27 -11.80
N ALA B 68 -16.19 -12.88 -11.74
CA ALA B 68 -15.14 -13.53 -12.47
C ALA B 68 -14.95 -14.95 -11.94
N SER B 69 -14.96 -15.07 -10.62
CA SER B 69 -14.53 -16.31 -9.99
C SER B 69 -15.00 -16.39 -8.58
N ASN B 70 -14.56 -17.43 -7.91
CA ASN B 70 -15.04 -17.72 -6.58
C ASN B 70 -14.24 -16.99 -5.51
N VAL B 71 -14.39 -15.67 -5.52
CA VAL B 71 -13.76 -14.81 -4.53
C VAL B 71 -14.84 -14.12 -3.74
N SER B 72 -14.48 -13.80 -2.51
CA SER B 72 -15.33 -13.04 -1.63
C SER B 72 -14.78 -11.62 -1.61
N LEU B 73 -15.69 -10.67 -1.52
CA LEU B 73 -15.30 -9.30 -1.31
C LEU B 73 -14.94 -9.03 0.12
N GLY B 74 -13.65 -8.72 0.35
CA GLY B 74 -13.14 -8.40 1.67
C GLY B 74 -13.66 -7.05 2.09
N PHE B 75 -13.30 -6.05 1.30
CA PHE B 75 -13.91 -4.75 1.41
C PHE B 75 -13.78 -3.97 0.12
N ILE B 76 -14.73 -3.04 -0.03
CA ILE B 76 -14.63 -1.99 -1.01
C ILE B 76 -14.65 -0.66 -0.31
N ASP B 77 -13.71 0.19 -0.68
CA ASP B 77 -13.67 1.54 -0.18
C ASP B 77 -13.90 2.50 -1.34
N ARG B 78 -15.11 3.05 -1.44
CA ARG B 78 -15.46 3.88 -2.59
C ARG B 78 -14.90 5.25 -2.45
N PHE B 79 -14.28 5.55 -1.31
CA PHE B 79 -13.71 6.88 -1.08
C PHE B 79 -12.27 6.92 -1.58
N SER B 80 -11.56 5.85 -1.30
CA SER B 80 -10.17 5.78 -1.70
C SER B 80 -9.93 4.97 -2.97
N GLY B 81 -10.88 4.12 -3.28
CA GLY B 81 -10.69 3.28 -4.44
C GLY B 81 -10.26 1.87 -4.19
N SER B 82 -9.97 1.56 -2.96
CA SER B 82 -9.39 0.28 -2.60
C SER B 82 -10.38 -0.86 -2.71
N VAL B 83 -9.89 -1.99 -3.21
CA VAL B 83 -10.68 -3.23 -3.18
C VAL B 83 -9.79 -4.35 -2.72
N VAL B 84 -10.23 -5.09 -1.73
CA VAL B 84 -9.51 -6.31 -1.32
C VAL B 84 -10.49 -7.48 -1.43
N ILE B 85 -10.01 -8.52 -2.08
CA ILE B 85 -10.78 -9.76 -2.31
C ILE B 85 -10.01 -10.92 -1.70
N SER B 86 -10.69 -12.03 -1.47
CA SER B 86 -10.04 -13.22 -0.91
C SER B 86 -10.60 -14.49 -1.56
N GLY B 87 -9.75 -15.51 -1.57
CA GLY B 87 -10.11 -16.81 -2.12
C GLY B 87 -8.88 -17.61 -2.38
N ASP B 88 -9.02 -18.74 -3.09
CA ASP B 88 -7.82 -19.46 -3.47
C ASP B 88 -7.00 -18.65 -4.44
N VAL B 89 -5.70 -18.91 -4.48
CA VAL B 89 -4.82 -18.16 -5.36
C VAL B 89 -5.30 -18.10 -6.80
N SER B 90 -5.70 -19.25 -7.36
CA SER B 90 -6.10 -19.21 -8.75
CA SER B 90 -6.16 -19.31 -8.74
C SER B 90 -7.38 -18.41 -8.98
N SER B 91 -8.29 -18.40 -8.02
CA SER B 91 -9.51 -17.61 -8.16
C SER B 91 -9.19 -16.12 -8.05
N VAL B 92 -8.27 -15.80 -7.17
CA VAL B 92 -7.91 -14.38 -6.98
C VAL B 92 -7.18 -13.89 -8.21
N GLU B 93 -6.28 -14.71 -8.75
CA GLU B 93 -5.62 -14.36 -9.99
C GLU B 93 -6.61 -14.14 -11.15
N SER B 94 -7.58 -15.03 -11.34
CA SER B 94 -8.56 -14.84 -12.40
CA SER B 94 -8.62 -14.89 -12.36
C SER B 94 -9.37 -13.56 -12.20
N ALA B 95 -9.79 -13.30 -10.96
CA ALA B 95 -10.52 -12.05 -10.66
C ALA B 95 -9.66 -10.82 -11.00
N LEU B 96 -8.40 -10.80 -10.59
CA LEU B 96 -7.58 -9.64 -10.87
C LEU B 96 -7.38 -9.48 -12.36
N ASN B 97 -7.20 -10.60 -13.09
CA ASN B 97 -7.05 -10.50 -14.52
C ASN B 97 -8.30 -9.94 -15.18
N ASP B 98 -9.47 -10.33 -14.69
CA ASP B 98 -10.70 -9.82 -15.29
C ASP B 98 -10.83 -8.32 -15.02
N VAL B 99 -10.47 -7.90 -13.81
CA VAL B 99 -10.53 -6.48 -13.45
C VAL B 99 -9.62 -5.68 -14.37
N LEU B 100 -8.41 -6.17 -14.55
CA LEU B 100 -7.48 -5.48 -15.46
C LEU B 100 -7.94 -5.47 -16.92
N GLU B 101 -8.58 -6.54 -17.40
CA GLU B 101 -9.09 -6.54 -18.77
C GLU B 101 -10.19 -5.48 -18.92
N VAL B 102 -11.14 -5.46 -17.98
CA VAL B 102 -12.23 -4.46 -18.05
C VAL B 102 -11.73 -3.03 -17.86
N LEU B 103 -11.07 -2.72 -16.75
CA LEU B 103 -10.64 -1.36 -16.52
C LEU B 103 -9.55 -0.95 -17.51
N GLY B 104 -8.56 -1.80 -17.74
CA GLY B 104 -7.44 -1.45 -18.58
C GLY B 104 -7.73 -1.51 -20.06
N ASN B 105 -8.32 -2.59 -20.50
CA ASN B 105 -8.51 -2.72 -21.94
C ASN B 105 -9.82 -2.12 -22.39
N MET B 106 -10.91 -2.41 -21.71
CA MET B 106 -12.18 -1.89 -22.13
C MET B 106 -12.37 -0.39 -21.86
N LEU B 107 -12.05 0.05 -20.64
CA LEU B 107 -12.28 1.43 -20.24
C LEU B 107 -11.03 2.30 -20.38
N ASN B 108 -9.99 1.72 -20.94
CA ASN B 108 -8.76 2.43 -21.24
C ASN B 108 -8.08 3.09 -20.04
N PHE B 109 -8.22 2.49 -18.85
CA PHE B 109 -7.42 2.97 -17.72
C PHE B 109 -5.96 2.58 -17.96
N SER B 110 -5.07 3.42 -17.44
CA SER B 110 -3.67 3.02 -17.29
C SER B 110 -3.63 1.85 -16.34
N SER B 111 -2.80 0.87 -16.66
CA SER B 111 -2.89 -0.40 -16.02
C SER B 111 -1.55 -0.86 -15.53
N THR B 112 -1.51 -2.10 -15.10
CA THR B 112 -0.34 -2.67 -14.48
C THR B 112 -0.43 -4.19 -14.63
N LYS B 113 0.63 -4.89 -14.34
CA LYS B 113 0.58 -6.34 -14.41
C LYS B 113 0.27 -6.87 -13.01
N ILE B 114 -0.29 -8.07 -12.89
CA ILE B 114 -0.46 -8.67 -11.58
C ILE B 114 0.92 -8.88 -10.93
N THR B 115 1.04 -8.52 -9.65
CA THR B 115 2.23 -8.80 -8.86
C THR B 115 1.88 -9.73 -7.70
N ARG B 116 2.87 -10.41 -7.14
CA ARG B 116 2.63 -11.36 -6.07
C ARG B 116 3.73 -11.28 -5.02
N THR B 117 3.43 -11.60 -3.76
CA THR B 117 4.50 -11.67 -2.77
C THR B 117 5.11 -13.05 -2.84
C1 GOL C . -5.55 5.88 -4.03
O1 GOL C . -6.48 6.80 -3.45
C2 GOL C . -4.47 5.42 -3.04
O2 GOL C . -5.03 4.83 -1.91
C3 GOL C . -3.61 6.63 -2.68
O3 GOL C . -2.43 6.25 -2.02
H11 GOL C . -5.08 6.36 -4.89
H12 GOL C . -6.10 5.01 -4.40
HO1 GOL C . -7.28 6.31 -3.16
H2 GOL C . -3.84 4.70 -3.56
HO2 GOL C . -5.61 5.47 -1.46
H31 GOL C . -4.19 7.29 -2.03
H32 GOL C . -3.37 7.19 -3.58
HO3 GOL C . -1.88 7.04 -1.86
#